data_4JWV
#
_entry.id   4JWV
#
_cell.length_a   116.311
_cell.length_b   116.311
_cell.length_c   116.311
_cell.angle_alpha   90.000
_cell.angle_beta   90.000
_cell.angle_gamma   90.000
#
_symmetry.space_group_name_H-M   'P 21 3'
#
loop_
_entity.id
_entity.type
_entity.pdbx_description
1 polymer 'Short chain enoyl-CoA hydratase'
2 water water
#
_entity_poly.entity_id   1
_entity_poly.type   'polypeptide(L)'
_entity_poly.pdbx_seq_one_letter_code
;(MSE)HHHHHHSSGVDLGTENLYFQS(MSE)ADIDFRIEGHVAHVRLNRPQGLNAITQE(MSE)DDLLLDAWTEVNANSD
IWAVVLSAEGEKAFCIGADVSGGAERKTR(MSE)ALGGGLTGIGGPLVTCKKP(MSE)VAAVQGFCVGGGFELA(MSE)C
ADIIVAADTAQFGLPETKVGIIGECGVVHRA(MSE)RQLPYHIALQLILTGERIKADEARHYGLVNEVVPFAELEEAALR
WASKLNAASPLAVQAAKAAALGRLGHPLEVAL(MSE)TRFEPIEEYAATEDKKEGERAAGERRKPVWTGK
;
_entity_poly.pdbx_strand_id   A,B
#
# COMPACT_ATOMS: atom_id res chain seq x y z
N PHE A 20 23.60 -19.01 -1.62
CA PHE A 20 23.41 -20.48 -1.54
C PHE A 20 23.75 -20.97 -0.11
N GLN A 21 24.85 -20.47 0.42
CA GLN A 21 25.21 -20.82 1.77
C GLN A 21 24.27 -20.25 2.82
N SER A 22 23.58 -19.16 2.47
CA SER A 22 22.58 -18.53 3.34
C SER A 22 21.15 -19.03 3.22
N MSE A 23 20.90 -19.97 2.34
CA MSE A 23 19.54 -20.24 1.89
C MSE A 23 18.72 -20.81 3.05
O MSE A 23 17.53 -20.79 3.01
CB MSE A 23 19.52 -21.09 0.63
CG MSE A 23 19.95 -22.51 1.03
SE MSE A 23 19.93 -23.82 -0.50
CE MSE A 23 21.60 -23.38 -1.46
N ALA A 24 19.35 -21.27 4.11
CA ALA A 24 18.61 -21.82 5.27
C ALA A 24 18.71 -20.93 6.50
N ASP A 25 19.15 -19.68 6.33
CA ASP A 25 19.24 -18.76 7.47
C ASP A 25 17.87 -18.20 7.93
N ILE A 26 16.85 -18.39 7.13
CA ILE A 26 15.46 -18.22 7.60
C ILE A 26 14.81 -19.58 7.35
N ASP A 27 14.18 -20.14 8.34
CA ASP A 27 13.48 -21.38 8.18
C ASP A 27 12.00 -21.03 8.07
N PHE A 28 11.37 -21.45 7.00
CA PHE A 28 9.98 -21.17 6.75
C PHE A 28 9.24 -22.46 6.53
N ARG A 29 8.16 -22.67 7.27
N ARG A 29 8.15 -22.67 7.26
CA ARG A 29 7.38 -23.88 7.10
CA ARG A 29 7.36 -23.86 7.07
C ARG A 29 5.91 -23.60 7.42
C ARG A 29 5.90 -23.58 7.40
N ILE A 30 5.03 -24.29 6.71
CA ILE A 30 3.62 -24.12 6.87
C ILE A 30 3.15 -25.39 7.49
N GLU A 31 2.52 -25.30 8.65
CA GLU A 31 1.93 -26.46 9.26
C GLU A 31 0.46 -26.16 9.55
N GLY A 32 -0.42 -26.82 8.82
CA GLY A 32 -1.84 -26.54 8.86
C GLY A 32 -2.10 -25.11 8.48
N HIS A 33 -2.72 -24.32 9.37
CA HIS A 33 -2.99 -22.93 9.07
C HIS A 33 -2.00 -21.95 9.73
N VAL A 34 -0.89 -22.46 10.27
CA VAL A 34 0.16 -21.66 10.85
C VAL A 34 1.41 -21.66 10.01
N ALA A 35 1.92 -20.47 9.69
CA ALA A 35 3.24 -20.35 9.07
C ALA A 35 4.30 -20.05 10.14
N HIS A 36 5.39 -20.78 10.13
CA HIS A 36 6.52 -20.56 11.03
C HIS A 36 7.68 -19.93 10.31
N VAL A 37 8.00 -18.71 10.74
CA VAL A 37 9.06 -17.93 10.16
C VAL A 37 10.07 -17.84 11.29
N ARG A 38 11.15 -18.59 11.10
CA ARG A 38 12.15 -18.75 12.13
C ARG A 38 13.56 -18.23 11.72
N LEU A 39 14.08 -17.27 12.45
CA LEU A 39 15.42 -16.72 12.21
C LEU A 39 16.41 -17.83 12.64
N ASN A 40 17.36 -18.11 11.76
CA ASN A 40 18.16 -19.27 11.94
C ASN A 40 19.61 -19.00 11.55
N ARG A 41 20.17 -18.02 12.23
CA ARG A 41 21.59 -17.77 12.14
C ARG A 41 22.10 -17.50 13.53
N PRO A 42 21.96 -18.51 14.41
CA PRO A 42 22.30 -18.27 15.84
C PRO A 42 23.80 -17.89 16.05
N GLN A 43 24.66 -18.26 15.13
CA GLN A 43 26.08 -17.94 15.25
C GLN A 43 26.35 -16.44 15.22
N GLY A 44 25.45 -15.65 14.61
CA GLY A 44 25.55 -14.21 14.64
C GLY A 44 24.50 -13.59 15.56
N LEU A 45 24.00 -14.39 16.51
CA LEU A 45 22.90 -14.03 17.40
C LEU A 45 21.65 -13.54 16.60
N ASN A 46 21.41 -14.17 15.46
CA ASN A 46 20.29 -13.93 14.57
C ASN A 46 20.22 -12.51 14.07
N ALA A 47 21.36 -11.84 13.99
CA ALA A 47 21.46 -10.60 13.24
C ALA A 47 21.08 -10.84 11.78
N ILE A 48 20.33 -9.90 11.21
CA ILE A 48 19.68 -10.12 9.96
C ILE A 48 20.65 -9.66 8.84
N THR A 49 21.06 -10.58 7.99
CA THR A 49 21.91 -10.28 6.85
C THR A 49 21.03 -9.83 5.70
N GLN A 50 21.63 -9.37 4.60
CA GLN A 50 20.90 -9.01 3.41
C GLN A 50 20.17 -10.20 2.80
N GLU A 51 20.86 -11.35 2.78
CA GLU A 51 20.24 -12.61 2.38
C GLU A 51 19.01 -13.02 3.18
N MSE A 52 19.08 -12.89 4.48
CA MSE A 52 17.94 -13.10 5.35
C MSE A 52 16.81 -12.13 5.10
O MSE A 52 15.65 -12.51 5.18
CB MSE A 52 18.37 -13.06 6.81
CG MSE A 52 19.21 -14.33 7.15
SE MSE A 52 20.21 -13.97 8.82
CE MSE A 52 18.73 -14.20 10.15
N ASP A 53 17.12 -10.87 4.81
CA ASP A 53 16.08 -9.93 4.46
C ASP A 53 15.39 -10.38 3.19
N ASP A 54 16.14 -10.86 2.18
CA ASP A 54 15.49 -11.43 0.99
C ASP A 54 14.55 -12.61 1.31
N LEU A 55 15.00 -13.48 2.18
CA LEU A 55 14.19 -14.64 2.51
C LEU A 55 13.00 -14.22 3.31
N LEU A 56 13.15 -13.20 4.17
CA LEU A 56 12.00 -12.78 4.93
C LEU A 56 10.96 -12.12 4.01
N LEU A 57 11.41 -11.34 3.07
CA LEU A 57 10.51 -10.72 2.12
C LEU A 57 9.73 -11.81 1.36
N ASP A 58 10.43 -12.85 0.89
CA ASP A 58 9.70 -14.00 0.34
C ASP A 58 8.67 -14.57 1.31
N ALA A 59 9.02 -14.73 2.59
CA ALA A 59 8.09 -15.24 3.57
C ALA A 59 6.85 -14.37 3.70
N TRP A 60 7.01 -13.07 3.85
CA TRP A 60 5.86 -12.21 4.05
C TRP A 60 4.99 -12.22 2.81
N THR A 61 5.61 -12.22 1.63
CA THR A 61 4.82 -12.33 0.38
C THR A 61 3.94 -13.59 0.34
N GLU A 62 4.53 -14.72 0.67
CA GLU A 62 3.80 -15.97 0.75
C GLU A 62 2.71 -15.94 1.87
N VAL A 63 3.08 -15.50 3.05
CA VAL A 63 2.13 -15.34 4.15
C VAL A 63 0.91 -14.50 3.75
N ASN A 64 1.12 -13.37 3.09
CA ASN A 64 0.02 -12.52 2.68
C ASN A 64 -0.77 -13.13 1.52
N ALA A 65 -0.12 -13.89 0.63
CA ALA A 65 -0.83 -14.32 -0.56
C ALA A 65 -1.57 -15.64 -0.33
N ASN A 66 -1.09 -16.48 0.58
CA ASN A 66 -1.62 -17.82 0.68
C ASN A 66 -2.78 -17.88 1.65
N SER A 67 -3.97 -18.18 1.17
CA SER A 67 -5.18 -18.19 2.00
C SER A 67 -5.25 -19.36 2.98
N ASP A 68 -4.40 -20.36 2.83
CA ASP A 68 -4.29 -21.42 3.84
C ASP A 68 -3.59 -20.98 5.12
N ILE A 69 -2.80 -19.91 5.05
CA ILE A 69 -2.06 -19.38 6.21
C ILE A 69 -2.98 -18.40 6.92
N TRP A 70 -3.34 -18.73 8.15
CA TRP A 70 -4.18 -17.88 8.94
C TRP A 70 -3.44 -17.13 10.01
N ALA A 71 -2.29 -17.64 10.43
CA ALA A 71 -1.50 -16.94 11.46
C ALA A 71 -0.04 -17.28 11.25
N VAL A 72 0.83 -16.42 11.78
CA VAL A 72 2.25 -16.60 11.68
C VAL A 72 2.84 -16.63 13.08
N VAL A 73 3.73 -17.58 13.33
CA VAL A 73 4.61 -17.52 14.43
C VAL A 73 6.02 -17.13 13.96
N LEU A 74 6.50 -15.99 14.46
CA LEU A 74 7.83 -15.50 14.19
C LEU A 74 8.69 -15.88 15.38
N SER A 75 9.71 -16.65 15.14
CA SER A 75 10.55 -17.19 16.21
C SER A 75 12.03 -17.18 15.78
N ALA A 76 12.89 -17.75 16.60
CA ALA A 76 14.34 -17.70 16.32
C ALA A 76 15.03 -18.82 17.00
N GLU A 77 16.03 -19.34 16.33
CA GLU A 77 16.81 -20.46 16.81
C GLU A 77 17.84 -20.05 17.86
N GLY A 78 18.08 -20.93 18.82
CA GLY A 78 19.16 -20.78 19.81
C GLY A 78 18.55 -20.25 21.12
N GLU A 79 19.37 -20.21 22.15
CA GLU A 79 18.97 -19.72 23.45
C GLU A 79 19.42 -18.30 23.78
N LYS A 80 20.47 -17.81 23.14
CA LYS A 80 21.07 -16.54 23.50
C LYS A 80 20.29 -15.36 23.06
N ALA A 81 19.68 -15.43 21.88
CA ALA A 81 19.07 -14.23 21.28
C ALA A 81 17.99 -14.52 20.26
N PHE A 82 16.91 -13.77 20.34
CA PHE A 82 15.94 -13.75 19.33
C PHE A 82 16.53 -13.02 18.14
N CYS A 83 17.09 -11.82 18.34
CA CYS A 83 17.63 -11.03 17.20
C CYS A 83 18.27 -9.78 17.76
N ILE A 84 19.48 -9.49 17.31
CA ILE A 84 20.18 -8.30 17.75
C ILE A 84 20.19 -7.17 16.71
N GLY A 85 19.37 -7.29 15.66
CA GLY A 85 19.31 -6.25 14.68
C GLY A 85 19.95 -6.61 13.37
N ALA A 86 20.33 -5.61 12.63
CA ALA A 86 20.93 -5.78 11.33
C ALA A 86 22.36 -6.28 11.50
N ASP A 87 22.80 -7.11 10.59
CA ASP A 87 24.19 -7.50 10.65
C ASP A 87 25.11 -6.31 10.32
N VAL A 88 25.95 -5.93 11.29
CA VAL A 88 26.77 -4.71 11.27
C VAL A 88 27.02 -4.20 9.86
N ARG A 94 23.95 -3.28 -0.92
CA ARG A 94 22.76 -3.49 -1.76
C ARG A 94 22.40 -2.22 -2.52
N LYS A 95 21.85 -2.36 -3.73
CA LYS A 95 21.34 -1.22 -4.52
C LYS A 95 19.81 -0.98 -4.56
N THR A 96 19.05 -1.85 -3.93
CA THR A 96 17.65 -1.58 -3.68
C THR A 96 17.55 -1.30 -2.18
N ARG A 97 16.62 -0.45 -1.79
CA ARG A 97 16.38 -0.24 -0.37
C ARG A 97 15.49 -1.34 0.19
N MSE A 98 15.94 -1.93 1.27
CA MSE A 98 15.28 -3.02 1.95
C MSE A 98 15.16 -2.61 3.39
O MSE A 98 16.16 -2.34 4.05
CB MSE A 98 16.18 -4.25 1.72
CG MSE A 98 15.77 -5.38 2.67
SE MSE A 98 13.99 -6.15 2.08
CE MSE A 98 14.57 -7.28 0.54
N ALA A 99 13.95 -2.53 3.90
CA ALA A 99 13.80 -2.21 5.28
C ALA A 99 14.15 -3.45 6.07
N LEU A 100 14.63 -3.24 7.30
CA LEU A 100 15.02 -4.32 8.13
C LEU A 100 13.85 -5.30 8.40
N GLY A 101 14.13 -6.61 8.23
CA GLY A 101 13.16 -7.64 8.47
C GLY A 101 12.33 -7.98 7.25
N GLY A 102 12.98 -7.93 6.11
CA GLY A 102 12.32 -8.22 4.83
C GLY A 102 11.21 -7.22 4.55
N GLY A 103 11.38 -6.00 5.04
CA GLY A 103 10.32 -4.95 4.85
C GLY A 103 9.49 -4.65 6.09
N LEU A 104 9.48 -5.57 7.02
CA LEU A 104 8.46 -5.55 8.05
C LEU A 104 8.60 -4.31 8.97
N THR A 105 9.82 -3.87 9.24
CA THR A 105 9.96 -2.74 10.18
C THR A 105 9.68 -1.41 9.49
N GLY A 106 9.82 -1.38 8.15
CA GLY A 106 9.68 -0.11 7.45
C GLY A 106 10.79 0.88 7.75
N ILE A 107 11.92 0.40 8.24
CA ILE A 107 13.04 1.31 8.55
C ILE A 107 14.15 0.96 7.60
N GLY A 108 14.53 1.87 6.77
CA GLY A 108 15.52 1.61 5.71
C GLY A 108 14.94 1.27 4.37
N GLY A 109 13.63 1.30 4.26
CA GLY A 109 13.02 0.94 2.92
C GLY A 109 11.51 0.87 3.08
N PRO A 110 10.77 0.48 2.00
CA PRO A 110 9.31 0.53 2.05
C PRO A 110 8.79 -0.40 3.16
N LEU A 111 7.67 -0.03 3.78
CA LEU A 111 7.06 -0.82 4.83
C LEU A 111 6.29 -1.95 4.21
N VAL A 112 6.56 -3.18 4.64
CA VAL A 112 5.75 -4.37 4.25
C VAL A 112 4.86 -4.70 5.44
N THR A 113 3.55 -4.82 5.17
CA THR A 113 2.58 -5.11 6.26
C THR A 113 2.24 -6.54 6.14
N CYS A 114 2.30 -7.27 7.27
CA CYS A 114 1.84 -8.63 7.29
C CYS A 114 0.37 -8.58 7.72
N LYS A 115 -0.53 -8.97 6.83
CA LYS A 115 -1.96 -8.87 7.15
C LYS A 115 -2.52 -10.02 7.99
N LYS A 116 -1.77 -11.10 8.12
CA LYS A 116 -2.16 -12.16 9.01
C LYS A 116 -1.70 -11.84 10.45
N PRO A 117 -2.48 -12.22 11.46
CA PRO A 117 -2.04 -12.10 12.82
C PRO A 117 -0.74 -12.83 13.12
N MSE A 118 0.12 -12.18 13.90
CA MSE A 118 1.47 -12.68 14.15
C MSE A 118 1.76 -12.71 15.60
O MSE A 118 1.52 -11.74 16.36
CB MSE A 118 2.48 -11.75 13.46
CG MSE A 118 3.88 -12.26 13.62
SE MSE A 118 5.20 -10.89 12.86
CE MSE A 118 4.50 -11.12 10.96
N VAL A 119 2.33 -13.85 15.99
CA VAL A 119 2.86 -14.08 17.32
C VAL A 119 4.36 -14.14 17.26
N ALA A 120 5.03 -13.29 18.06
CA ALA A 120 6.47 -13.36 18.17
C ALA A 120 6.82 -14.14 19.44
N ALA A 121 7.74 -15.08 19.32
CA ALA A 121 8.21 -15.92 20.44
C ALA A 121 9.64 -15.51 20.67
N VAL A 122 9.91 -14.85 21.79
CA VAL A 122 11.16 -14.17 21.95
C VAL A 122 11.93 -14.75 23.12
N GLN A 123 13.16 -15.19 22.90
CA GLN A 123 14.05 -15.58 23.98
C GLN A 123 15.29 -14.65 24.02
N GLY A 124 15.95 -14.61 25.17
CA GLY A 124 17.29 -14.02 25.26
C GLY A 124 17.26 -12.58 24.79
N PHE A 125 18.33 -12.15 24.15
CA PHE A 125 18.43 -10.74 23.69
C PHE A 125 17.51 -10.44 22.53
N CYS A 126 16.74 -9.37 22.70
CA CYS A 126 15.84 -8.88 21.71
C CYS A 126 16.13 -7.39 21.66
N VAL A 127 17.07 -6.99 20.84
CA VAL A 127 17.58 -5.62 20.89
C VAL A 127 17.67 -4.94 19.53
N GLY A 128 17.60 -3.62 19.57
CA GLY A 128 17.75 -2.78 18.37
C GLY A 128 16.67 -3.14 17.36
N GLY A 129 17.09 -3.40 16.12
CA GLY A 129 16.21 -3.75 15.02
C GLY A 129 15.50 -5.05 15.32
N GLY A 130 16.12 -5.89 16.16
CA GLY A 130 15.49 -7.15 16.60
C GLY A 130 14.24 -6.92 17.45
N PHE A 131 14.36 -5.98 18.37
CA PHE A 131 13.24 -5.52 19.22
C PHE A 131 12.15 -4.85 18.38
N GLU A 132 12.54 -3.92 17.49
CA GLU A 132 11.60 -3.35 16.54
C GLU A 132 10.83 -4.44 15.73
N LEU A 133 11.53 -5.46 15.33
CA LEU A 133 10.91 -6.56 14.62
C LEU A 133 9.90 -7.30 15.49
N ALA A 134 10.26 -7.61 16.73
CA ALA A 134 9.28 -8.26 17.62
C ALA A 134 8.05 -7.40 17.81
N MSE A 135 8.26 -6.08 17.84
CA MSE A 135 7.19 -5.12 18.03
C MSE A 135 6.25 -5.02 16.84
O MSE A 135 5.17 -4.43 16.96
CB MSE A 135 7.73 -3.74 18.40
CG MSE A 135 8.10 -3.76 19.86
SE MSE A 135 8.43 -1.91 20.53
CE MSE A 135 10.26 -1.52 19.80
N CYS A 136 6.63 -5.60 15.70
CA CYS A 136 5.77 -5.67 14.54
C CYS A 136 4.75 -6.77 14.72
N ALA A 137 4.96 -7.64 15.70
CA ALA A 137 4.02 -8.73 15.94
C ALA A 137 2.79 -8.19 16.64
N ASP A 138 1.70 -8.95 16.62
CA ASP A 138 0.51 -8.55 17.39
C ASP A 138 0.53 -9.05 18.79
N ILE A 139 0.96 -10.29 18.97
CA ILE A 139 1.08 -10.93 20.28
C ILE A 139 2.53 -11.31 20.50
N ILE A 140 3.07 -11.08 21.69
CA ILE A 140 4.45 -11.39 22.00
C ILE A 140 4.50 -12.31 23.21
N VAL A 141 5.03 -13.50 23.04
CA VAL A 141 5.32 -14.38 24.17
C VAL A 141 6.83 -14.45 24.34
N ALA A 142 7.25 -14.20 25.58
CA ALA A 142 8.68 -14.14 25.92
C ALA A 142 9.07 -15.29 26.86
N ALA A 143 10.23 -15.86 26.61
CA ALA A 143 10.86 -16.73 27.61
C ALA A 143 11.30 -15.83 28.77
N ASP A 144 11.42 -16.38 29.96
CA ASP A 144 11.82 -15.59 31.09
C ASP A 144 13.29 -15.14 30.99
N THR A 145 14.02 -15.59 30.00
CA THR A 145 15.34 -15.02 29.71
C THR A 145 15.31 -13.76 28.80
N ALA A 146 14.16 -13.32 28.33
CA ALA A 146 14.16 -12.24 27.32
C ALA A 146 14.57 -10.93 27.94
N GLN A 147 15.35 -10.17 27.18
CA GLN A 147 15.75 -8.79 27.57
C GLN A 147 15.56 -7.93 26.35
N PHE A 148 14.84 -6.85 26.53
CA PHE A 148 14.47 -5.98 25.44
C PHE A 148 15.22 -4.66 25.59
N GLY A 149 15.72 -4.11 24.48
CA GLY A 149 16.38 -2.83 24.50
C GLY A 149 16.64 -2.25 23.15
N LEU A 150 17.08 -0.99 23.16
CA LEU A 150 17.37 -0.26 21.95
C LEU A 150 18.73 0.36 22.14
N PRO A 151 19.80 -0.41 21.86
CA PRO A 151 21.13 0.09 22.27
C PRO A 151 21.74 1.10 21.33
N GLU A 152 21.07 1.47 20.25
CA GLU A 152 21.61 2.38 19.23
C GLU A 152 22.19 3.67 19.81
N THR A 153 21.51 4.37 20.71
CA THR A 153 22.08 5.58 21.21
C THR A 153 23.35 5.33 22.01
N LYS A 154 23.37 4.22 22.71
CA LYS A 154 24.44 3.89 23.61
C LYS A 154 25.67 3.52 22.83
N VAL A 155 25.52 2.84 21.69
CA VAL A 155 26.67 2.57 20.85
C VAL A 155 26.94 3.65 19.81
N GLY A 156 26.13 4.71 19.76
CA GLY A 156 26.43 5.80 18.91
C GLY A 156 26.03 5.62 17.46
N ILE A 157 24.92 4.95 17.22
CA ILE A 157 24.37 4.79 15.88
C ILE A 157 22.94 5.32 15.79
N ILE A 158 22.64 6.04 14.73
CA ILE A 158 21.25 6.47 14.51
C ILE A 158 21.16 6.93 13.06
N GLY A 159 20.15 6.41 12.37
CA GLY A 159 19.93 6.72 10.95
C GLY A 159 18.44 6.58 10.60
N GLU A 160 18.09 7.02 9.40
CA GLU A 160 16.74 6.91 8.87
C GLU A 160 15.77 7.63 9.84
N CYS A 161 14.66 6.99 10.15
CA CYS A 161 13.68 7.62 11.00
C CYS A 161 13.98 7.33 12.48
N GLY A 162 15.02 6.54 12.78
CA GLY A 162 15.29 6.17 14.18
C GLY A 162 14.51 4.92 14.57
N VAL A 163 15.09 4.11 15.45
CA VAL A 163 14.36 2.93 15.91
C VAL A 163 13.72 3.32 17.25
N VAL A 164 12.69 4.15 17.17
CA VAL A 164 12.12 4.76 18.35
C VAL A 164 10.60 4.76 18.34
N HIS A 165 10.00 4.64 17.17
CA HIS A 165 8.57 4.99 17.00
C HIS A 165 7.63 3.95 17.55
N ARG A 166 7.95 2.67 17.42
CA ARG A 166 7.11 1.64 17.97
C ARG A 166 7.17 1.59 19.49
N ALA A 167 8.37 1.73 20.07
CA ALA A 167 8.50 1.88 21.52
C ALA A 167 7.62 2.96 22.10
N MSE A 168 7.54 4.11 21.46
CA MSE A 168 6.68 5.19 21.94
C MSE A 168 5.21 4.79 21.91
O MSE A 168 4.41 5.37 22.62
CB MSE A 168 6.76 6.47 21.14
CG MSE A 168 8.14 7.11 21.16
SE MSE A 168 8.71 7.56 23.02
CE MSE A 168 7.22 8.74 23.58
N ARG A 169 4.82 3.89 21.01
CA ARG A 169 3.45 3.48 20.89
C ARG A 169 3.14 2.20 21.72
N GLN A 170 4.12 1.49 22.24
CA GLN A 170 3.85 0.16 22.85
C GLN A 170 4.23 0.04 24.32
N LEU A 171 4.79 1.14 24.88
CA LEU A 171 5.23 1.20 26.27
C LEU A 171 4.72 2.53 26.80
N PRO A 172 4.62 2.69 28.11
CA PRO A 172 4.37 4.00 28.66
C PRO A 172 5.43 4.98 28.29
N TYR A 173 5.00 6.21 28.03
CA TYR A 173 5.83 7.32 27.52
C TYR A 173 7.20 7.33 28.19
N HIS A 174 7.26 7.44 29.50
CA HIS A 174 8.56 7.58 30.19
C HIS A 174 9.40 6.30 30.17
N ILE A 175 8.79 5.14 30.10
CA ILE A 175 9.50 3.88 29.99
C ILE A 175 10.09 3.79 28.56
N ALA A 176 9.32 4.19 27.56
CA ALA A 176 9.82 4.14 26.22
C ALA A 176 11.06 5.06 26.16
N LEU A 177 10.96 6.25 26.71
CA LEU A 177 12.06 7.16 26.61
C LEU A 177 13.28 6.64 27.34
N GLN A 178 13.06 5.97 28.45
CA GLN A 178 14.17 5.38 29.13
C GLN A 178 14.92 4.41 28.26
N LEU A 179 14.20 3.55 27.56
CA LEU A 179 14.85 2.63 26.67
C LEU A 179 15.58 3.34 25.53
N ILE A 180 14.88 4.25 24.91
CA ILE A 180 15.38 4.91 23.73
C ILE A 180 16.64 5.73 24.07
N LEU A 181 16.60 6.45 25.19
CA LEU A 181 17.65 7.37 25.51
C LEU A 181 18.83 6.80 26.27
N THR A 182 18.66 5.74 27.06
CA THR A 182 19.78 5.15 27.78
C THR A 182 20.39 3.99 27.04
N GLY A 183 19.59 3.34 26.20
CA GLY A 183 20.01 2.14 25.57
C GLY A 183 20.19 0.94 26.48
N GLU A 184 19.70 1.01 27.70
CA GLU A 184 19.69 -0.13 28.61
C GLU A 184 18.47 -1.00 28.47
N ARG A 185 18.67 -2.30 28.74
CA ARG A 185 17.64 -3.31 28.60
C ARG A 185 16.68 -3.43 29.75
N ILE A 186 15.48 -3.88 29.48
CA ILE A 186 14.60 -4.34 30.52
C ILE A 186 14.39 -5.84 30.37
N LYS A 187 14.06 -6.47 31.49
CA LYS A 187 13.78 -7.87 31.53
C LYS A 187 12.35 -8.23 31.25
N ALA A 188 12.15 -9.52 31.04
CA ALA A 188 10.84 -10.05 30.69
C ALA A 188 9.75 -9.69 31.67
N ASP A 189 10.04 -9.76 32.97
CA ASP A 189 9.03 -9.45 33.97
C ASP A 189 8.54 -8.00 33.90
N GLU A 190 9.46 -7.08 33.69
CA GLU A 190 9.10 -5.70 33.54
C GLU A 190 8.34 -5.48 32.23
N ALA A 191 8.75 -6.14 31.17
CA ALA A 191 7.98 -6.03 29.90
C ALA A 191 6.52 -6.54 30.08
N ARG A 192 6.38 -7.64 30.80
CA ARG A 192 5.08 -8.19 31.02
C ARG A 192 4.25 -7.24 31.89
N HIS A 193 4.90 -6.68 32.91
CA HIS A 193 4.23 -5.74 33.82
C HIS A 193 3.57 -4.60 33.06
N TYR A 194 4.24 -4.03 32.07
CA TYR A 194 3.66 -2.91 31.29
C TYR A 194 2.82 -3.42 30.12
N GLY A 195 2.66 -4.70 29.92
CA GLY A 195 1.85 -5.14 28.81
C GLY A 195 2.52 -4.92 27.44
N LEU A 196 3.83 -4.89 27.43
CA LEU A 196 4.61 -5.05 26.19
C LEU A 196 4.58 -6.49 25.74
N VAL A 197 4.63 -7.43 26.66
CA VAL A 197 4.46 -8.81 26.28
C VAL A 197 3.16 -9.38 26.85
N ASN A 198 2.61 -10.37 26.15
CA ASN A 198 1.36 -10.99 26.55
C ASN A 198 1.52 -12.16 27.56
N GLU A 199 2.68 -12.76 27.61
CA GLU A 199 2.89 -13.97 28.43
C GLU A 199 4.39 -14.18 28.55
N VAL A 200 4.81 -14.64 29.71
CA VAL A 200 6.18 -14.99 29.92
C VAL A 200 6.21 -16.46 30.36
N VAL A 201 7.07 -17.27 29.77
CA VAL A 201 7.13 -18.68 30.12
C VAL A 201 8.56 -19.11 30.20
N PRO A 202 8.81 -20.30 30.79
CA PRO A 202 10.19 -20.83 30.74
C PRO A 202 10.61 -21.10 29.31
N PHE A 203 11.91 -20.98 29.06
CA PHE A 203 12.41 -21.16 27.70
C PHE A 203 11.95 -22.49 27.05
N ALA A 204 11.95 -23.58 27.83
CA ALA A 204 11.47 -24.89 27.32
C ALA A 204 10.03 -24.90 26.79
N GLU A 205 9.23 -23.99 27.30
CA GLU A 205 7.82 -23.93 26.97
C GLU A 205 7.51 -22.91 25.84
N LEU A 206 8.53 -22.22 25.33
CA LEU A 206 8.30 -21.12 24.41
C LEU A 206 7.61 -21.51 23.12
N GLU A 207 8.07 -22.55 22.45
CA GLU A 207 7.44 -22.98 21.18
C GLU A 207 5.99 -23.38 21.38
N GLU A 208 5.76 -24.15 22.42
CA GLU A 208 4.43 -24.58 22.70
C GLU A 208 3.52 -23.41 23.11
N ALA A 209 4.05 -22.46 23.88
CA ALA A 209 3.24 -21.27 24.27
C ALA A 209 2.88 -20.46 23.03
N ALA A 210 3.84 -20.30 22.14
CA ALA A 210 3.55 -19.55 20.91
C ALA A 210 2.49 -20.24 20.11
N LEU A 211 2.52 -21.56 20.07
CA LEU A 211 1.49 -22.31 19.37
C LEU A 211 0.11 -22.24 20.02
N ARG A 212 0.04 -22.18 21.34
CA ARG A 212 -1.26 -21.93 22.00
C ARG A 212 -1.87 -20.61 21.53
N TRP A 213 -1.05 -19.57 21.45
CA TRP A 213 -1.55 -18.29 20.97
C TRP A 213 -2.05 -18.39 19.51
N ALA A 214 -1.27 -19.02 18.65
CA ALA A 214 -1.66 -19.16 17.27
C ALA A 214 -2.97 -19.97 17.16
N SER A 215 -3.13 -21.00 17.99
CA SER A 215 -4.39 -21.75 18.04
C SER A 215 -5.55 -20.89 18.47
N LYS A 216 -5.35 -20.02 19.44
CA LYS A 216 -6.42 -19.08 19.80
C LYS A 216 -6.77 -18.15 18.67
N LEU A 217 -5.77 -17.61 18.02
CA LEU A 217 -6.09 -16.77 16.89
C LEU A 217 -6.87 -17.51 15.82
N ASN A 218 -6.45 -18.73 15.49
CA ASN A 218 -7.10 -19.52 14.45
C ASN A 218 -8.41 -20.24 14.88
N ALA A 219 -8.75 -20.18 16.15
CA ALA A 219 -10.08 -20.63 16.62
C ALA A 219 -11.11 -19.48 16.35
N ALA A 220 -10.67 -18.24 16.21
CA ALA A 220 -11.56 -17.15 15.82
C ALA A 220 -11.70 -17.16 14.28
N SER A 221 -12.65 -16.42 13.72
CA SER A 221 -12.89 -16.44 12.25
C SER A 221 -11.70 -15.74 11.53
N PRO A 222 -10.93 -16.45 10.72
CA PRO A 222 -9.66 -15.84 10.35
C PRO A 222 -9.74 -14.57 9.53
N LEU A 223 -10.73 -14.47 8.65
CA LEU A 223 -10.88 -13.25 7.87
C LEU A 223 -11.35 -12.11 8.74
N ALA A 224 -12.11 -12.42 9.77
CA ALA A 224 -12.54 -11.37 10.74
C ALA A 224 -11.38 -10.89 11.59
N VAL A 225 -10.51 -11.82 12.00
CA VAL A 225 -9.29 -11.46 12.72
C VAL A 225 -8.41 -10.51 11.90
N GLN A 226 -8.20 -10.83 10.66
CA GLN A 226 -7.45 -10.00 9.72
C GLN A 226 -8.04 -8.65 9.56
N ALA A 227 -9.34 -8.61 9.45
CA ALA A 227 -10.01 -7.36 9.22
C ALA A 227 -9.96 -6.49 10.50
N ALA A 228 -10.09 -7.11 11.66
CA ALA A 228 -9.95 -6.39 12.92
C ALA A 228 -8.55 -5.81 13.09
N LYS A 229 -7.53 -6.60 12.73
CA LYS A 229 -6.18 -6.12 12.78
C LYS A 229 -5.93 -4.91 11.85
N ALA A 230 -6.38 -5.02 10.61
CA ALA A 230 -6.27 -3.92 9.66
C ALA A 230 -6.99 -2.66 10.13
N ALA A 231 -8.16 -2.81 10.72
CA ALA A 231 -8.88 -1.65 11.26
C ALA A 231 -8.20 -0.99 12.47
N ALA A 232 -7.87 -1.80 13.46
CA ALA A 232 -7.23 -1.31 14.66
C ALA A 232 -5.97 -0.51 14.36
N LEU A 233 -5.07 -1.13 13.60
CA LEU A 233 -3.79 -0.54 13.26
C LEU A 233 -3.84 0.54 12.19
N GLY A 234 -4.78 0.45 11.25
CA GLY A 234 -4.92 1.41 10.20
C GLY A 234 -5.38 2.78 10.67
N ARG A 235 -6.07 2.85 11.80
CA ARG A 235 -6.42 4.14 12.36
C ARG A 235 -5.84 4.49 13.71
N LEU A 236 -4.90 3.68 14.15
CA LEU A 236 -4.27 3.88 15.46
C LEU A 236 -3.72 5.33 15.79
N GLY A 237 -3.07 5.98 14.89
CA GLY A 237 -2.62 7.32 15.31
C GLY A 237 -3.48 8.51 14.80
N HIS A 238 -4.75 8.25 14.54
CA HIS A 238 -5.70 9.24 14.16
C HIS A 238 -6.64 9.56 15.33
N PRO A 239 -7.36 10.71 15.26
CA PRO A 239 -8.32 10.96 16.29
C PRO A 239 -9.39 9.85 16.24
N LEU A 240 -9.90 9.50 17.41
CA LEU A 240 -10.97 8.51 17.54
C LEU A 240 -12.15 8.79 16.62
N GLU A 241 -12.55 10.03 16.49
CA GLU A 241 -13.69 10.30 15.60
C GLU A 241 -13.41 9.93 14.16
N VAL A 242 -12.15 10.10 13.73
CA VAL A 242 -11.74 9.71 12.36
C VAL A 242 -11.78 8.18 12.24
N ALA A 243 -11.27 7.51 13.24
CA ALA A 243 -11.25 6.05 13.27
C ALA A 243 -12.67 5.48 13.15
N LEU A 244 -13.57 6.03 13.97
CA LEU A 244 -14.96 5.56 13.98
C LEU A 244 -15.68 5.78 12.67
N MSE A 245 -15.31 6.80 11.93
CA MSE A 245 -15.92 6.98 10.62
C MSE A 245 -15.13 6.44 9.47
O MSE A 245 -15.33 6.78 8.35
CB MSE A 245 -16.48 8.41 10.51
CG MSE A 245 -15.75 9.60 10.64
SE MSE A 245 -17.11 11.11 11.04
CE MSE A 245 -15.48 12.10 11.39
N THR A 246 -14.29 5.45 9.72
CA THR A 246 -13.52 4.81 8.63
C THR A 246 -14.24 3.56 8.08
N ARG A 247 -14.22 3.42 6.75
CA ARG A 247 -14.68 2.23 6.06
C ARG A 247 -13.41 1.43 5.67
N PHE A 248 -13.31 0.21 6.18
CA PHE A 248 -12.13 -0.64 5.97
C PHE A 248 -12.50 -1.73 5.02
N GLU A 249 -11.75 -1.84 3.92
CA GLU A 249 -12.14 -2.78 2.84
C GLU A 249 -12.16 -4.25 3.30
N PRO A 250 -11.23 -4.68 4.12
CA PRO A 250 -11.35 -6.08 4.62
C PRO A 250 -12.64 -6.34 5.43
N ILE A 251 -13.13 -5.32 6.12
CA ILE A 251 -14.41 -5.47 6.83
C ILE A 251 -15.58 -5.50 5.83
N GLU A 252 -15.55 -4.63 4.83
CA GLU A 252 -16.60 -4.64 3.82
C GLU A 252 -16.64 -5.98 3.09
N GLU A 253 -15.48 -6.53 2.77
CA GLU A 253 -15.37 -7.81 2.06
C GLU A 253 -15.80 -8.97 2.91
N TYR A 254 -15.62 -8.87 4.21
CA TYR A 254 -16.03 -9.97 5.10
C TYR A 254 -17.53 -10.33 4.97
N ALA A 255 -18.37 -9.36 4.64
CA ALA A 255 -19.83 -9.57 4.55
C ALA A 255 -20.20 -10.56 3.49
N ALA A 256 -19.33 -10.75 2.50
CA ALA A 256 -19.60 -11.64 1.39
C ALA A 256 -18.96 -12.99 1.54
N THR A 257 -18.34 -13.30 2.66
CA THR A 257 -17.61 -14.56 2.80
C THR A 257 -18.46 -15.73 3.29
N GLU A 258 -17.95 -16.94 3.06
CA GLU A 258 -18.61 -18.15 3.62
C GLU A 258 -18.51 -18.17 5.12
N ASP A 259 -17.38 -17.73 5.67
CA ASP A 259 -17.23 -17.73 7.10
C ASP A 259 -18.24 -16.83 7.81
N LYS A 260 -18.54 -15.68 7.23
CA LYS A 260 -19.58 -14.84 7.77
C LYS A 260 -20.93 -15.60 7.86
N LYS A 261 -21.34 -16.27 6.79
CA LYS A 261 -22.55 -17.11 6.86
C LYS A 261 -22.43 -18.25 7.91
N GLU A 262 -21.28 -18.90 7.93
CA GLU A 262 -21.02 -20.00 8.88
C GLU A 262 -21.12 -19.51 10.29
N GLY A 263 -20.68 -18.28 10.56
CA GLY A 263 -20.86 -17.76 11.90
C GLY A 263 -22.32 -17.68 12.29
N GLU A 264 -23.16 -17.16 11.40
CA GLU A 264 -24.59 -17.03 11.70
C GLU A 264 -25.28 -18.37 11.87
N ARG A 265 -24.94 -19.30 10.98
CA ARG A 265 -25.50 -20.63 11.01
C ARG A 265 -25.16 -21.33 12.31
N ALA A 266 -23.89 -21.31 12.66
CA ALA A 266 -23.45 -21.93 13.88
C ALA A 266 -24.10 -21.32 15.13
N ALA A 267 -24.24 -19.99 15.18
CA ALA A 267 -24.88 -19.35 16.32
C ALA A 267 -26.38 -19.73 16.36
N GLY A 268 -27.02 -19.70 15.20
CA GLY A 268 -28.41 -20.14 15.07
C GLY A 268 -28.66 -21.59 15.48
N GLU A 269 -27.69 -22.47 15.27
CA GLU A 269 -27.84 -23.89 15.60
C GLU A 269 -27.07 -24.27 16.85
N ARG A 270 -26.82 -23.27 17.71
CA ARG A 270 -26.05 -23.45 18.93
C ARG A 270 -24.91 -24.49 18.82
N ARG A 271 -24.08 -24.40 17.79
CA ARG A 271 -22.88 -25.27 17.62
C ARG A 271 -21.60 -24.44 17.39
N LYS A 272 -20.44 -25.09 17.49
CA LYS A 272 -19.12 -24.50 17.22
C LYS A 272 -19.05 -24.22 15.69
N PRO A 273 -18.66 -22.99 15.28
CA PRO A 273 -18.45 -22.78 13.82
C PRO A 273 -17.24 -23.56 13.37
N VAL A 274 -17.22 -23.94 12.11
CA VAL A 274 -16.04 -24.55 11.49
C VAL A 274 -15.59 -23.58 10.38
N TRP A 275 -14.49 -22.89 10.61
CA TRP A 275 -14.07 -21.80 9.69
C TRP A 275 -13.38 -22.41 8.48
N THR A 276 -13.53 -21.84 7.30
CA THR A 276 -12.76 -22.37 6.14
C THR A 276 -11.82 -21.33 5.56
N GLY A 277 -11.86 -20.11 6.05
CA GLY A 277 -10.92 -19.09 5.60
C GLY A 277 -11.29 -18.54 4.25
N LYS A 278 -12.57 -18.59 3.91
CA LYS A 278 -13.11 -18.11 2.63
C LYS A 278 -14.51 -17.54 2.94
N ALA B 24 -12.56 -6.37 -27.53
CA ALA B 24 -12.59 -6.34 -26.02
C ALA B 24 -12.98 -4.92 -25.60
N ASP B 25 -13.71 -4.80 -24.50
CA ASP B 25 -14.22 -3.53 -24.05
C ASP B 25 -13.19 -2.56 -23.43
N ILE B 26 -12.00 -3.05 -23.13
CA ILE B 26 -10.86 -2.19 -22.83
C ILE B 26 -9.81 -2.60 -23.85
N ASP B 27 -9.24 -1.65 -24.53
CA ASP B 27 -8.18 -1.97 -25.47
C ASP B 27 -6.87 -1.52 -24.83
N PHE B 28 -5.93 -2.43 -24.66
CA PHE B 28 -4.68 -2.11 -23.99
C PHE B 28 -3.51 -2.43 -24.88
N ARG B 29 -2.62 -1.47 -25.13
CA ARG B 29 -1.48 -1.70 -26.02
C ARG B 29 -0.29 -0.98 -25.45
N ILE B 30 0.86 -1.55 -25.68
CA ILE B 30 2.11 -0.96 -25.28
C ILE B 30 2.78 -0.57 -26.59
N GLU B 31 3.11 0.70 -26.76
CA GLU B 31 3.85 1.14 -27.94
C GLU B 31 5.07 1.89 -27.46
N GLY B 32 6.21 1.26 -27.58
CA GLY B 32 7.48 1.77 -27.04
C GLY B 32 7.33 1.94 -25.53
N HIS B 33 7.50 3.16 -25.01
CA HIS B 33 7.45 3.35 -23.57
C HIS B 33 6.12 3.93 -23.09
N VAL B 34 5.13 3.96 -23.97
CA VAL B 34 3.77 4.41 -23.66
C VAL B 34 2.75 3.25 -23.65
N ALA B 35 1.99 3.13 -22.57
CA ALA B 35 0.88 2.20 -22.51
C ALA B 35 -0.42 2.94 -22.85
N HIS B 36 -1.19 2.43 -23.78
CA HIS B 36 -2.49 2.98 -24.11
C HIS B 36 -3.56 2.12 -23.49
N VAL B 37 -4.32 2.74 -22.62
CA VAL B 37 -5.46 2.13 -21.98
C VAL B 37 -6.68 2.87 -22.53
N ARG B 38 -7.44 2.19 -23.35
CA ARG B 38 -8.52 2.82 -24.08
C ARG B 38 -9.88 2.17 -23.76
N LEU B 39 -10.83 2.96 -23.29
CA LEU B 39 -12.18 2.48 -23.05
C LEU B 39 -12.80 2.24 -24.39
N ASN B 40 -13.42 1.11 -24.53
CA ASN B 40 -13.87 0.68 -25.83
C ASN B 40 -15.24 0.07 -25.79
N ARG B 41 -16.18 0.81 -25.22
CA ARG B 41 -17.58 0.39 -25.30
C ARG B 41 -18.40 1.63 -25.68
N PRO B 42 -18.16 2.17 -26.88
CA PRO B 42 -18.82 3.46 -27.26
C PRO B 42 -20.33 3.32 -27.35
N GLN B 43 -20.82 2.11 -27.56
CA GLN B 43 -22.28 1.90 -27.66
C GLN B 43 -22.99 2.16 -26.31
N GLY B 44 -22.25 2.07 -25.18
CA GLY B 44 -22.77 2.45 -23.86
C GLY B 44 -22.14 3.72 -23.32
N LEU B 45 -21.65 4.56 -24.25
CA LEU B 45 -20.96 5.80 -23.93
C LEU B 45 -19.82 5.51 -22.90
N ASN B 46 -19.18 4.36 -23.08
CA ASN B 46 -18.06 3.92 -22.32
C ASN B 46 -18.32 3.78 -20.84
N ALA B 47 -19.59 3.56 -20.45
CA ALA B 47 -19.94 3.22 -19.09
C ALA B 47 -19.22 1.94 -18.72
N ILE B 48 -18.68 1.93 -17.50
CA ILE B 48 -17.75 0.87 -17.11
C ILE B 48 -18.48 -0.32 -16.52
N THR B 49 -18.40 -1.45 -17.18
CA THR B 49 -19.04 -2.68 -16.72
C THR B 49 -18.10 -3.35 -15.75
N GLN B 50 -18.59 -4.39 -15.10
CA GLN B 50 -17.74 -5.17 -14.16
C GLN B 50 -16.60 -5.80 -14.90
N GLU B 51 -16.85 -6.31 -16.10
CA GLU B 51 -15.77 -6.84 -16.95
C GLU B 51 -14.72 -5.83 -17.35
N MSE B 52 -15.14 -4.60 -17.66
CA MSE B 52 -14.17 -3.55 -17.93
C MSE B 52 -13.35 -3.22 -16.70
O MSE B 52 -12.14 -2.93 -16.81
CB MSE B 52 -14.85 -2.35 -18.48
CG MSE B 52 -15.33 -2.59 -19.91
SE MSE B 52 -16.75 -1.25 -20.38
CE MSE B 52 -15.59 0.34 -20.70
N ASP B 53 -13.98 -3.25 -15.53
CA ASP B 53 -13.21 -3.02 -14.31
C ASP B 53 -12.13 -4.10 -14.14
N ASP B 54 -12.45 -5.37 -14.43
CA ASP B 54 -11.43 -6.43 -14.40
C ASP B 54 -10.29 -6.16 -15.36
N LEU B 55 -10.65 -5.75 -16.58
CA LEU B 55 -9.63 -5.50 -17.59
C LEU B 55 -8.83 -4.28 -17.21
N LEU B 56 -9.45 -3.29 -16.56
CA LEU B 56 -8.68 -2.10 -16.19
C LEU B 56 -7.71 -2.46 -15.08
N LEU B 57 -8.16 -3.29 -14.14
CA LEU B 57 -7.27 -3.71 -13.07
C LEU B 57 -6.04 -4.46 -13.64
N ASP B 58 -6.26 -5.33 -14.63
CA ASP B 58 -5.14 -5.99 -15.32
C ASP B 58 -4.21 -4.98 -15.95
N ALA B 59 -4.78 -3.96 -16.59
CA ALA B 59 -3.94 -2.91 -17.15
C ALA B 59 -3.11 -2.18 -16.12
N TRP B 60 -3.70 -1.76 -15.02
CA TRP B 60 -2.93 -0.99 -14.02
C TRP B 60 -1.81 -1.87 -13.44
N THR B 61 -2.09 -3.14 -13.22
CA THR B 61 -1.09 -4.07 -12.70
C THR B 61 0.11 -4.17 -13.63
N GLU B 62 -0.17 -4.31 -14.92
CA GLU B 62 0.88 -4.43 -15.90
C GLU B 62 1.60 -3.12 -16.01
N VAL B 63 0.85 -2.01 -16.02
CA VAL B 63 1.47 -0.67 -16.06
C VAL B 63 2.44 -0.45 -14.91
N ASN B 64 2.03 -0.82 -13.70
CA ASN B 64 2.94 -0.66 -12.55
C ASN B 64 4.12 -1.62 -12.58
N ALA B 65 3.97 -2.81 -13.16
CA ALA B 65 4.99 -3.84 -12.97
C ALA B 65 5.99 -3.85 -14.09
N ASN B 66 5.62 -3.34 -15.24
CA ASN B 66 6.50 -3.38 -16.39
C ASN B 66 7.37 -2.14 -16.54
N SER B 67 8.69 -2.29 -16.34
CA SER B 67 9.64 -1.16 -16.37
C SER B 67 9.86 -0.56 -17.77
N ASP B 68 9.39 -1.22 -18.82
CA ASP B 68 9.37 -0.61 -20.14
C ASP B 68 8.30 0.44 -20.32
N ILE B 69 7.25 0.38 -19.52
CA ILE B 69 6.16 1.36 -19.57
C ILE B 69 6.57 2.59 -18.69
N TRP B 70 6.72 3.73 -19.34
CA TRP B 70 7.13 4.94 -18.64
C TRP B 70 5.96 5.91 -18.46
N ALA B 71 4.93 5.80 -19.30
CA ALA B 71 3.78 6.68 -19.21
C ALA B 71 2.54 5.97 -19.73
N VAL B 72 1.37 6.43 -19.32
CA VAL B 72 0.10 5.86 -19.75
C VAL B 72 -0.75 6.96 -20.37
N VAL B 73 -1.35 6.69 -21.51
CA VAL B 73 -2.42 7.50 -22.06
C VAL B 73 -3.73 6.76 -21.86
N LEU B 74 -4.62 7.35 -21.10
CA LEU B 74 -5.92 6.85 -20.86
C LEU B 74 -6.84 7.61 -21.82
N SER B 75 -7.55 6.86 -22.67
CA SER B 75 -8.38 7.44 -23.69
C SER B 75 -9.65 6.63 -23.86
N ALA B 76 -10.45 7.00 -24.84
CA ALA B 76 -11.72 6.33 -25.01
C ALA B 76 -12.18 6.42 -26.43
N GLU B 77 -12.82 5.36 -26.88
CA GLU B 77 -13.32 5.27 -28.25
C GLU B 77 -14.62 6.08 -28.45
N GLY B 78 -14.79 6.66 -29.63
CA GLY B 78 -16.03 7.31 -30.05
C GLY B 78 -15.96 8.82 -29.78
N GLU B 79 -16.94 9.53 -30.25
CA GLU B 79 -16.96 10.97 -30.16
C GLU B 79 -17.89 11.47 -29.07
N LYS B 80 -18.87 10.67 -28.65
CA LYS B 80 -19.93 11.20 -27.78
C LYS B 80 -19.45 11.37 -26.34
N ALA B 81 -18.59 10.47 -25.88
CA ALA B 81 -18.23 10.46 -24.49
C ALA B 81 -16.96 9.73 -24.18
N PHE B 82 -16.15 10.34 -23.34
CA PHE B 82 -15.04 9.66 -22.76
C PHE B 82 -15.60 8.56 -21.84
N CYS B 83 -16.51 8.92 -20.90
CA CYS B 83 -17.01 7.92 -19.92
C CYS B 83 -18.09 8.54 -19.07
N ILE B 84 -19.22 7.84 -18.93
CA ILE B 84 -20.32 8.37 -18.16
C ILE B 84 -20.44 7.67 -16.83
N GLY B 85 -19.39 7.01 -16.38
CA GLY B 85 -19.44 6.40 -15.06
C GLY B 85 -19.67 4.90 -15.10
N ALA B 86 -20.20 4.37 -13.99
CA ALA B 86 -20.44 2.96 -13.86
C ALA B 86 -21.66 2.55 -14.67
N ASP B 87 -21.62 1.36 -15.22
CA ASP B 87 -22.83 0.82 -15.80
C ASP B 87 -23.64 0.19 -14.68
N VAL B 88 -24.83 0.75 -14.40
CA VAL B 88 -25.81 0.16 -13.44
C VAL B 88 -26.17 -1.32 -13.68
N ALA B 92 -25.54 -6.85 -11.65
CA ALA B 92 -25.28 -7.56 -10.41
C ALA B 92 -24.59 -8.92 -10.74
N GLU B 93 -23.62 -9.38 -9.92
CA GLU B 93 -23.20 -8.76 -8.63
C GLU B 93 -22.06 -9.57 -7.96
N ARG B 94 -21.04 -8.86 -7.48
CA ARG B 94 -19.65 -9.37 -7.39
C ARG B 94 -19.21 -9.83 -6.00
N LYS B 95 -18.40 -10.88 -5.92
CA LYS B 95 -17.96 -11.43 -4.59
C LYS B 95 -16.85 -10.59 -3.93
N THR B 96 -16.16 -9.78 -4.73
CA THR B 96 -15.09 -8.93 -4.26
C THR B 96 -15.49 -7.44 -4.46
N ARG B 97 -14.99 -6.53 -3.63
CA ARG B 97 -15.22 -5.11 -3.84
C ARG B 97 -14.23 -4.58 -4.87
N MSE B 98 -14.72 -3.84 -5.84
CA MSE B 98 -13.91 -3.33 -6.94
C MSE B 98 -14.23 -1.86 -7.00
O MSE B 98 -15.37 -1.48 -7.24
CB MSE B 98 -14.34 -4.10 -8.19
CG MSE B 98 -13.88 -3.43 -9.50
SE MSE B 98 -11.90 -3.56 -9.71
CE MSE B 98 -11.73 -5.49 -10.27
N ALA B 99 -13.23 -1.02 -6.82
CA ALA B 99 -13.50 0.42 -6.97
C ALA B 99 -13.62 0.75 -8.45
N LEU B 100 -14.42 1.75 -8.76
CA LEU B 100 -14.62 2.14 -10.09
C LEU B 100 -13.30 2.45 -10.81
N GLY B 101 -13.14 1.87 -12.01
CA GLY B 101 -11.98 2.12 -12.85
C GLY B 101 -10.84 1.16 -12.59
N GLY B 102 -11.21 -0.10 -12.36
CA GLY B 102 -10.25 -1.15 -12.06
C GLY B 102 -9.49 -0.87 -10.79
N GLY B 103 -10.12 -0.12 -9.87
CA GLY B 103 -9.38 0.34 -8.65
C GLY B 103 -8.95 1.78 -8.56
N LEU B 104 -8.85 2.44 -9.71
CA LEU B 104 -8.14 3.67 -9.80
C LEU B 104 -8.81 4.84 -9.01
N THR B 105 -10.11 4.84 -8.90
CA THR B 105 -10.80 5.91 -8.19
C THR B 105 -10.76 5.69 -6.69
N GLY B 106 -10.62 4.45 -6.26
CA GLY B 106 -10.77 4.13 -4.83
C GLY B 106 -12.17 4.34 -4.30
N ILE B 107 -13.17 4.37 -5.17
CA ILE B 107 -14.52 4.52 -4.69
C ILE B 107 -15.21 3.20 -4.94
N GLY B 108 -15.64 2.54 -3.88
CA GLY B 108 -16.30 1.22 -3.99
C GLY B 108 -15.40 0.05 -3.74
N GLY B 109 -14.13 0.32 -3.40
CA GLY B 109 -13.17 -0.77 -3.16
C GLY B 109 -11.80 -0.21 -2.88
N PRO B 110 -10.78 -1.07 -2.67
CA PRO B 110 -9.41 -0.60 -2.41
C PRO B 110 -8.92 0.33 -3.54
N LEU B 111 -8.13 1.33 -3.19
CA LEU B 111 -7.59 2.27 -4.11
C LEU B 111 -6.41 1.61 -4.76
N VAL B 112 -6.34 1.63 -6.08
CA VAL B 112 -5.14 1.24 -6.83
C VAL B 112 -4.49 2.53 -7.31
N THR B 113 -3.19 2.65 -7.10
CA THR B 113 -2.41 3.83 -7.55
C THR B 113 -1.61 3.46 -8.73
N CYS B 114 -1.71 4.25 -9.78
CA CYS B 114 -0.88 4.07 -10.94
C CYS B 114 0.38 4.89 -10.72
N LYS B 115 1.52 4.25 -10.59
CA LYS B 115 2.76 4.99 -10.29
C LYS B 115 3.43 5.66 -11.50
N LYS B 116 3.01 5.29 -12.68
CA LYS B 116 3.54 5.93 -13.89
C LYS B 116 2.71 7.19 -14.15
N PRO B 117 3.32 8.21 -14.75
CA PRO B 117 2.56 9.40 -15.14
C PRO B 117 1.50 9.08 -16.19
N MSE B 118 0.34 9.70 -16.03
CA MSE B 118 -0.80 9.41 -16.84
C MSE B 118 -1.37 10.66 -17.44
O MSE B 118 -1.62 11.65 -16.76
CB MSE B 118 -1.88 8.74 -15.98
CG MSE B 118 -3.09 8.35 -16.82
SE MSE B 118 -4.53 7.54 -15.64
CE MSE B 118 -3.43 6.00 -15.00
N VAL B 119 -1.64 10.54 -18.72
CA VAL B 119 -2.35 11.57 -19.50
C VAL B 119 -3.74 11.04 -19.87
N ALA B 120 -4.77 11.76 -19.49
CA ALA B 120 -6.12 11.45 -19.92
C ALA B 120 -6.47 12.30 -21.13
N ALA B 121 -7.01 11.68 -22.18
CA ALA B 121 -7.43 12.36 -23.40
C ALA B 121 -8.96 12.26 -23.40
N VAL B 122 -9.64 13.39 -23.22
CA VAL B 122 -11.05 13.35 -22.91
C VAL B 122 -11.82 14.04 -24.01
N GLN B 123 -12.77 13.35 -24.62
CA GLN B 123 -13.73 13.96 -25.56
C GLN B 123 -15.11 13.91 -25.00
N GLY B 124 -15.99 14.80 -25.48
CA GLY B 124 -17.43 14.64 -25.21
C GLY B 124 -17.72 14.60 -23.72
N PHE B 125 -18.75 13.86 -23.34
CA PHE B 125 -19.14 13.79 -21.96
C PHE B 125 -18.13 13.03 -21.12
N CYS B 126 -17.81 13.65 -19.99
CA CYS B 126 -16.95 13.11 -19.00
C CYS B 126 -17.67 13.38 -17.67
N VAL B 127 -18.51 12.43 -17.23
CA VAL B 127 -19.37 12.69 -16.10
C VAL B 127 -19.40 11.56 -15.06
N GLY B 128 -19.70 11.95 -13.83
CA GLY B 128 -19.84 11.05 -12.68
C GLY B 128 -18.51 10.36 -12.46
N GLY B 129 -18.57 9.04 -12.42
CA GLY B 129 -17.41 8.22 -12.22
C GLY B 129 -16.40 8.38 -13.35
N GLY B 130 -16.88 8.73 -14.54
CA GLY B 130 -16.00 9.01 -15.70
C GLY B 130 -15.12 10.26 -15.47
N PHE B 131 -15.75 11.29 -14.90
CA PHE B 131 -15.01 12.52 -14.49
C PHE B 131 -14.01 12.22 -13.40
N GLU B 132 -14.42 11.47 -12.39
CA GLU B 132 -13.51 11.04 -11.33
C GLU B 132 -12.34 10.28 -11.86
N LEU B 133 -12.59 9.44 -12.84
CA LEU B 133 -11.53 8.68 -13.48
C LEU B 133 -10.57 9.54 -14.22
N ALA B 134 -11.07 10.48 -15.01
CA ALA B 134 -10.15 11.42 -15.64
C ALA B 134 -9.29 12.16 -14.61
N MSE B 135 -9.91 12.54 -13.49
CA MSE B 135 -9.23 13.30 -12.41
C MSE B 135 -8.15 12.47 -11.71
O MSE B 135 -7.35 13.01 -10.98
CB MSE B 135 -10.25 13.83 -11.39
CG MSE B 135 -10.90 15.04 -12.00
SE MSE B 135 -11.85 16.10 -10.58
CE MSE B 135 -13.53 15.00 -10.36
N CYS B 136 -8.08 11.15 -11.97
CA CYS B 136 -7.00 10.33 -11.49
C CYS B 136 -5.77 10.49 -12.34
N ALA B 137 -5.92 11.05 -13.54
CA ALA B 137 -4.76 11.27 -14.41
C ALA B 137 -3.93 12.45 -13.89
N ASP B 138 -2.70 12.56 -14.36
CA ASP B 138 -1.85 13.71 -13.98
C ASP B 138 -2.09 14.88 -14.89
N ILE B 139 -2.14 14.59 -16.17
CA ILE B 139 -2.30 15.63 -17.21
C ILE B 139 -3.59 15.31 -17.92
N ILE B 140 -4.36 16.31 -18.24
CA ILE B 140 -5.62 16.08 -18.95
C ILE B 140 -5.65 16.94 -20.18
N VAL B 141 -5.79 16.31 -21.35
CA VAL B 141 -6.00 17.03 -22.57
C VAL B 141 -7.42 16.74 -23.02
N ALA B 142 -8.14 17.79 -23.32
CA ALA B 142 -9.55 17.70 -23.70
C ALA B 142 -9.78 18.18 -25.16
N ALA B 143 -10.67 17.49 -25.86
CA ALA B 143 -11.19 17.96 -27.09
C ALA B 143 -12.09 19.15 -26.73
N ASP B 144 -12.29 20.07 -27.67
CA ASP B 144 -13.19 21.21 -27.41
C ASP B 144 -14.66 20.79 -27.25
N THR B 145 -15.00 19.55 -27.50
CA THR B 145 -16.36 19.02 -27.20
C THR B 145 -16.51 18.55 -25.75
N ALA B 146 -15.45 18.56 -24.93
CA ALA B 146 -15.56 17.93 -23.61
C ALA B 146 -16.48 18.72 -22.72
N GLN B 147 -17.25 18.00 -21.90
CA GLN B 147 -18.08 18.54 -20.85
C GLN B 147 -17.87 17.70 -19.59
N PHE B 148 -17.59 18.36 -18.47
CA PHE B 148 -17.31 17.68 -17.23
C PHE B 148 -18.44 17.94 -16.24
N GLY B 149 -18.83 16.92 -15.49
CA GLY B 149 -19.84 17.07 -14.48
C GLY B 149 -19.99 15.90 -13.55
N LEU B 150 -20.73 16.12 -12.48
CA LEU B 150 -20.98 15.13 -11.46
C LEU B 150 -22.51 15.09 -11.26
N PRO B 151 -23.22 14.33 -12.08
CA PRO B 151 -24.68 14.42 -12.05
C PRO B 151 -25.38 13.58 -10.96
N GLU B 152 -24.64 12.91 -10.11
CA GLU B 152 -25.16 12.03 -9.05
C GLU B 152 -26.19 12.67 -8.17
N THR B 153 -25.98 13.90 -7.70
CA THR B 153 -26.97 14.49 -6.82
C THR B 153 -28.27 14.77 -7.62
N LYS B 154 -28.10 15.14 -8.87
CA LYS B 154 -29.18 15.60 -9.69
C LYS B 154 -30.08 14.44 -10.05
N VAL B 155 -29.49 13.26 -10.24
CA VAL B 155 -30.31 12.07 -10.42
C VAL B 155 -30.63 11.31 -9.13
N GLY B 156 -30.16 11.77 -7.99
CA GLY B 156 -30.54 11.14 -6.75
C GLY B 156 -29.77 9.91 -6.36
N ILE B 157 -28.50 9.85 -6.70
CA ILE B 157 -27.63 8.75 -6.31
C ILE B 157 -26.48 9.28 -5.46
N ILE B 158 -26.19 8.61 -4.38
CA ILE B 158 -24.95 8.87 -3.67
C ILE B 158 -24.67 7.71 -2.75
N GLY B 159 -23.40 7.26 -2.71
CA GLY B 159 -23.00 6.08 -1.89
C GLY B 159 -21.50 6.12 -1.61
N GLU B 160 -21.05 5.20 -0.77
CA GLU B 160 -19.66 5.11 -0.42
C GLU B 160 -19.20 6.50 0.12
N CYS B 161 -18.06 6.98 -0.37
CA CYS B 161 -17.52 8.23 0.15
C CYS B 161 -18.05 9.40 -0.62
N GLY B 162 -18.83 9.16 -1.69
CA GLY B 162 -19.24 10.22 -2.56
C GLY B 162 -18.23 10.47 -3.68
N VAL B 163 -18.72 10.94 -4.83
CA VAL B 163 -17.83 11.31 -5.92
C VAL B 163 -17.63 12.82 -5.86
N VAL B 164 -16.86 13.27 -4.85
CA VAL B 164 -16.80 14.67 -4.52
C VAL B 164 -15.40 15.11 -4.12
N HIS B 165 -14.53 14.17 -3.74
CA HIS B 165 -13.26 14.54 -3.07
C HIS B 165 -12.19 15.04 -4.02
N ARG B 166 -12.12 14.49 -5.20
CA ARG B 166 -11.19 15.00 -6.21
C ARG B 166 -11.55 16.38 -6.76
N ALA B 167 -12.82 16.60 -7.01
CA ALA B 167 -13.29 17.94 -7.45
C ALA B 167 -12.90 18.98 -6.46
N MSE B 168 -13.01 18.71 -5.16
CA MSE B 168 -12.57 19.66 -4.13
C MSE B 168 -11.09 19.97 -4.16
O MSE B 168 -10.69 21.03 -3.73
CB MSE B 168 -12.90 19.24 -2.71
CG MSE B 168 -14.39 19.03 -2.43
SE MSE B 168 -15.46 20.70 -2.74
CE MSE B 168 -14.52 21.98 -1.54
N ARG B 169 -10.28 19.06 -4.68
CA ARG B 169 -8.88 19.25 -4.72
C ARG B 169 -8.38 19.76 -6.08
N GLN B 170 -9.20 19.76 -7.13
CA GLN B 170 -8.68 20.06 -8.45
C GLN B 170 -9.32 21.28 -9.11
N LEU B 171 -10.27 21.88 -8.42
CA LEU B 171 -10.98 23.08 -8.86
C LEU B 171 -11.06 24.04 -7.72
N PRO B 172 -11.28 25.34 -8.02
CA PRO B 172 -11.54 26.25 -6.94
C PRO B 172 -12.77 25.85 -6.13
N TYR B 173 -12.69 26.08 -4.80
CA TYR B 173 -13.68 25.65 -3.83
C TYR B 173 -15.12 25.85 -4.30
N HIS B 174 -15.51 27.10 -4.66
CA HIS B 174 -16.94 27.36 -5.04
C HIS B 174 -17.33 26.76 -6.39
N ILE B 175 -16.38 26.54 -7.27
CA ILE B 175 -16.65 25.91 -8.56
C ILE B 175 -16.83 24.40 -8.35
N ALA B 176 -16.02 23.80 -7.49
CA ALA B 176 -16.18 22.42 -7.16
C ALA B 176 -17.58 22.20 -6.55
N LEU B 177 -17.96 23.06 -5.61
CA LEU B 177 -19.23 22.92 -4.96
C LEU B 177 -20.39 23.10 -5.92
N GLN B 178 -20.24 23.97 -6.89
CA GLN B 178 -21.23 24.13 -7.93
C GLN B 178 -21.44 22.87 -8.70
N LEU B 179 -20.38 22.21 -9.12
CA LEU B 179 -20.52 20.93 -9.80
C LEU B 179 -21.14 19.88 -8.93
N ILE B 180 -20.64 19.77 -7.72
CA ILE B 180 -21.01 18.66 -6.84
C ILE B 180 -22.50 18.83 -6.51
N LEU B 181 -22.89 20.05 -6.17
CA LEU B 181 -24.24 20.27 -5.61
C LEU B 181 -25.36 20.50 -6.61
N THR B 182 -25.07 21.05 -7.80
CA THR B 182 -26.11 21.22 -8.81
C THR B 182 -26.11 20.10 -9.86
N GLY B 183 -25.01 19.38 -10.01
CA GLY B 183 -24.93 18.36 -11.01
C GLY B 183 -24.94 18.87 -12.43
N GLU B 184 -24.68 20.17 -12.63
CA GLU B 184 -24.54 20.75 -13.96
C GLU B 184 -23.10 20.74 -14.47
N ARG B 185 -22.96 20.59 -15.79
CA ARG B 185 -21.68 20.42 -16.43
C ARG B 185 -20.98 21.72 -16.72
N ILE B 186 -19.66 21.67 -16.81
CA ILE B 186 -18.90 22.76 -17.38
C ILE B 186 -18.17 22.26 -18.64
N LYS B 187 -17.97 23.21 -19.57
CA LYS B 187 -17.36 22.95 -20.87
C LYS B 187 -15.84 23.05 -20.83
N ALA B 188 -15.24 22.59 -21.89
CA ALA B 188 -13.80 22.49 -21.99
C ALA B 188 -13.12 23.81 -21.74
N ASP B 189 -13.66 24.89 -22.28
CA ASP B 189 -13.03 26.23 -22.10
C ASP B 189 -12.98 26.70 -20.65
N GLU B 190 -14.05 26.42 -19.90
CA GLU B 190 -14.09 26.78 -18.50
C GLU B 190 -13.16 25.88 -17.69
N ALA B 191 -13.12 24.60 -18.00
CA ALA B 191 -12.18 23.72 -17.37
C ALA B 191 -10.73 24.16 -17.58
N ARG B 192 -10.44 24.62 -18.78
CA ARG B 192 -9.10 25.06 -19.11
C ARG B 192 -8.79 26.32 -18.32
N HIS B 193 -9.78 27.20 -18.26
CA HIS B 193 -9.62 28.47 -17.59
C HIS B 193 -9.16 28.32 -16.15
N TYR B 194 -9.74 27.33 -15.44
CA TYR B 194 -9.36 27.08 -14.07
C TYR B 194 -8.18 26.14 -13.94
N GLY B 195 -7.65 25.62 -15.02
CA GLY B 195 -6.52 24.70 -14.88
C GLY B 195 -6.88 23.29 -14.42
N LEU B 196 -8.16 22.91 -14.57
CA LEU B 196 -8.57 21.54 -14.50
C LEU B 196 -8.00 20.74 -15.67
N VAL B 197 -7.93 21.34 -16.87
CA VAL B 197 -7.31 20.69 -17.97
C VAL B 197 -6.08 21.48 -18.46
N ASN B 198 -5.11 20.75 -19.02
CA ASN B 198 -3.84 21.34 -19.39
C ASN B 198 -3.86 21.90 -20.81
N GLU B 199 -4.78 21.44 -21.65
CA GLU B 199 -4.81 21.82 -23.06
C GLU B 199 -6.17 21.44 -23.65
N VAL B 200 -6.69 22.28 -24.53
CA VAL B 200 -7.92 21.97 -25.23
C VAL B 200 -7.61 21.97 -26.70
N VAL B 201 -8.02 20.96 -27.45
CA VAL B 201 -7.68 20.91 -28.91
C VAL B 201 -8.94 20.46 -29.65
N PRO B 202 -8.98 20.63 -30.96
CA PRO B 202 -10.05 19.98 -31.75
C PRO B 202 -10.03 18.49 -31.63
N PHE B 203 -11.22 17.89 -31.70
CA PHE B 203 -11.32 16.46 -31.54
C PHE B 203 -10.33 15.69 -32.43
N ALA B 204 -10.17 16.13 -33.70
CA ALA B 204 -9.28 15.47 -34.66
C ALA B 204 -7.82 15.44 -34.19
N GLU B 205 -7.46 16.33 -33.30
CA GLU B 205 -6.08 16.49 -32.81
C GLU B 205 -5.87 15.82 -31.43
N LEU B 206 -6.89 15.17 -30.89
CA LEU B 206 -6.82 14.72 -29.50
C LEU B 206 -5.74 13.63 -29.30
N GLU B 207 -5.73 12.60 -30.16
CA GLU B 207 -4.74 11.52 -29.96
C GLU B 207 -3.30 12.01 -30.09
N GLU B 208 -3.05 12.83 -31.10
CA GLU B 208 -1.72 13.41 -31.29
C GLU B 208 -1.36 14.30 -30.13
N ALA B 209 -2.31 15.10 -29.63
CA ALA B 209 -1.99 15.99 -28.47
C ALA B 209 -1.64 15.18 -27.23
N ALA B 210 -2.41 14.12 -26.99
CA ALA B 210 -2.16 13.30 -25.84
C ALA B 210 -0.76 12.71 -25.97
N LEU B 211 -0.41 12.29 -27.18
CA LEU B 211 0.90 11.70 -27.40
C LEU B 211 2.03 12.70 -27.25
N ARG B 212 1.83 13.95 -27.64
CA ARG B 212 2.84 15.01 -27.35
C ARG B 212 3.10 15.10 -25.87
N TRP B 213 2.06 15.03 -25.04
CA TRP B 213 2.27 15.10 -23.59
C TRP B 213 3.01 13.86 -23.06
N ALA B 214 2.67 12.68 -23.57
CA ALA B 214 3.39 11.48 -23.17
C ALA B 214 4.86 11.54 -23.59
N SER B 215 5.14 12.10 -24.78
CA SER B 215 6.49 12.33 -25.22
C SER B 215 7.26 13.30 -24.32
N LYS B 216 6.65 14.36 -23.86
CA LYS B 216 7.28 15.24 -22.87
C LYS B 216 7.56 14.54 -21.58
N LEU B 217 6.58 13.78 -21.07
CA LEU B 217 6.82 13.07 -19.85
C LEU B 217 7.99 12.11 -20.03
N ASN B 218 8.09 11.45 -21.19
CA ASN B 218 9.16 10.46 -21.37
C ASN B 218 10.47 11.03 -21.88
N ALA B 219 10.51 12.31 -22.19
CA ALA B 219 11.80 13.02 -22.46
C ALA B 219 12.46 13.39 -21.11
N ALA B 220 11.68 13.45 -20.02
CA ALA B 220 12.26 13.62 -18.70
C ALA B 220 12.74 12.24 -18.17
N SER B 221 13.53 12.21 -17.10
CA SER B 221 14.07 10.95 -16.60
C SER B 221 12.89 10.18 -15.98
N PRO B 222 12.60 8.94 -16.45
CA PRO B 222 11.27 8.41 -16.08
C PRO B 222 11.15 8.01 -14.62
N LEU B 223 12.22 7.52 -14.05
CA LEU B 223 12.16 7.20 -12.61
C LEU B 223 12.10 8.42 -11.74
N ALA B 224 12.71 9.51 -12.20
CA ALA B 224 12.61 10.78 -11.49
C ALA B 224 11.18 11.38 -11.59
N VAL B 225 10.56 11.26 -12.74
CA VAL B 225 9.17 11.65 -12.93
C VAL B 225 8.23 10.88 -11.98
N GLN B 226 8.37 9.56 -11.97
CA GLN B 226 7.64 8.69 -11.04
C GLN B 226 7.87 9.06 -9.59
N ALA B 227 9.10 9.33 -9.23
CA ALA B 227 9.36 9.73 -7.84
C ALA B 227 8.74 11.04 -7.48
N ALA B 228 8.80 12.00 -8.40
CA ALA B 228 8.22 13.30 -8.19
C ALA B 228 6.70 13.21 -8.03
N LYS B 229 6.08 12.41 -8.84
CA LYS B 229 4.65 12.20 -8.72
C LYS B 229 4.29 11.58 -7.36
N ALA B 230 5.01 10.57 -6.96
CA ALA B 230 4.77 9.92 -5.67
C ALA B 230 4.97 10.85 -4.51
N ALA B 231 5.99 11.68 -4.57
CA ALA B 231 6.22 12.64 -3.50
C ALA B 231 5.12 13.70 -3.48
N ALA B 232 4.86 14.37 -4.64
CA ALA B 232 3.82 15.43 -4.71
C ALA B 232 2.46 15.00 -4.17
N LEU B 233 2.01 13.84 -4.64
CA LEU B 233 0.72 13.33 -4.30
C LEU B 233 0.69 12.65 -2.93
N GLY B 234 1.81 12.08 -2.49
CA GLY B 234 1.85 11.34 -1.24
C GLY B 234 1.78 12.24 -0.04
N ARG B 235 2.12 13.53 -0.21
CA ARG B 235 1.95 14.46 0.89
C ARG B 235 1.02 15.66 0.63
N LEU B 236 0.30 15.60 -0.45
CA LEU B 236 -0.63 16.69 -0.87
C LEU B 236 -1.64 17.16 0.23
N GLY B 237 -2.23 16.27 0.94
CA GLY B 237 -3.18 16.85 1.96
C GLY B 237 -2.58 16.95 3.37
N HIS B 238 -1.27 17.09 3.45
CA HIS B 238 -0.56 17.27 4.76
C HIS B 238 -0.08 18.73 4.90
N PRO B 239 0.18 19.20 6.14
CA PRO B 239 0.86 20.47 6.28
C PRO B 239 2.18 20.44 5.51
N LEU B 240 2.58 21.56 4.96
CA LEU B 240 3.78 21.73 4.20
C LEU B 240 4.98 21.28 4.99
N GLU B 241 5.02 21.57 6.27
CA GLU B 241 6.18 21.19 7.06
C GLU B 241 6.35 19.70 7.13
N VAL B 242 5.22 18.99 7.23
CA VAL B 242 5.24 17.51 7.23
C VAL B 242 5.74 17.00 5.87
N ALA B 243 5.27 17.61 4.80
CA ALA B 243 5.69 17.26 3.46
C ALA B 243 7.19 17.37 3.25
N LEU B 244 7.71 18.51 3.64
CA LEU B 244 9.13 18.85 3.44
C LEU B 244 10.00 17.93 4.28
N MSE B 245 9.47 17.40 5.37
CA MSE B 245 10.25 16.42 6.12
C MSE B 245 10.00 14.97 5.80
O MSE B 245 10.42 14.09 6.53
CB MSE B 245 10.34 16.85 7.59
CG MSE B 245 9.29 17.09 8.52
SE MSE B 245 10.10 18.21 10.05
CE MSE B 245 10.92 16.69 11.08
N THR B 246 9.48 14.70 4.63
CA THR B 246 9.18 13.35 4.25
C THR B 246 10.33 12.71 3.44
N ARG B 247 10.66 11.45 3.74
CA ARG B 247 11.57 10.61 2.98
C ARG B 247 10.70 9.66 2.17
N PHE B 248 10.83 9.80 0.86
CA PHE B 248 10.06 9.06 -0.09
C PHE B 248 10.95 8.01 -0.70
N GLU B 249 10.49 6.76 -0.64
CA GLU B 249 11.34 5.63 -1.10
C GLU B 249 11.71 5.67 -2.57
N PRO B 250 10.79 6.06 -3.45
CA PRO B 250 11.24 6.20 -4.85
C PRO B 250 12.37 7.23 -5.07
N ILE B 251 12.39 8.30 -4.26
CA ILE B 251 13.42 9.26 -4.38
C ILE B 251 14.71 8.71 -3.81
N GLU B 252 14.65 8.03 -2.67
CA GLU B 252 15.83 7.37 -2.14
C GLU B 252 16.40 6.38 -3.15
N GLU B 253 15.58 5.62 -3.82
CA GLU B 253 16.03 4.59 -4.71
C GLU B 253 16.60 5.20 -5.99
N TYR B 254 16.11 6.37 -6.39
CA TYR B 254 16.65 7.04 -7.58
C TYR B 254 18.16 7.26 -7.51
N ALA B 255 18.68 7.50 -6.32
CA ALA B 255 20.11 7.79 -6.15
C ALA B 255 21.01 6.65 -6.66
N ALA B 256 20.51 5.42 -6.65
CA ALA B 256 21.30 4.27 -7.03
C ALA B 256 21.07 3.87 -8.49
N THR B 257 20.30 4.62 -9.27
CA THR B 257 19.99 4.21 -10.63
C THR B 257 21.05 4.55 -11.65
N GLU B 258 21.01 3.85 -12.78
CA GLU B 258 21.82 4.22 -13.94
C GLU B 258 21.39 5.57 -14.52
N ASP B 259 20.09 5.85 -14.61
CA ASP B 259 19.65 7.15 -15.10
C ASP B 259 20.21 8.31 -14.28
N LYS B 260 20.27 8.15 -12.99
CA LYS B 260 20.83 9.19 -12.15
C LYS B 260 22.30 9.51 -12.52
N LYS B 261 23.11 8.46 -12.69
CA LYS B 261 24.47 8.63 -13.21
C LYS B 261 24.49 9.22 -14.64
N GLU B 262 23.58 8.79 -15.49
CA GLU B 262 23.47 9.31 -16.85
C GLU B 262 23.14 10.81 -16.86
N GLY B 263 22.32 11.28 -15.92
CA GLY B 263 22.07 12.72 -15.83
C GLY B 263 23.34 13.51 -15.50
N GLU B 264 24.15 13.03 -14.57
CA GLU B 264 25.44 13.70 -14.28
C GLU B 264 26.46 13.63 -15.42
N ARG B 265 26.58 12.47 -16.06
CA ARG B 265 27.48 12.31 -17.16
C ARG B 265 27.13 13.25 -18.27
N ALA B 266 25.85 13.26 -18.65
CA ALA B 266 25.41 14.06 -19.76
C ALA B 266 25.62 15.55 -19.49
N ALA B 267 25.36 16.00 -18.27
CA ALA B 267 25.56 17.40 -17.97
C ALA B 267 27.08 17.69 -18.05
N GLY B 268 27.90 16.80 -17.48
CA GLY B 268 29.35 16.95 -17.51
C GLY B 268 29.95 17.00 -18.91
N GLU B 269 29.33 16.32 -19.87
CA GLU B 269 29.81 16.25 -21.24
C GLU B 269 28.98 17.13 -22.19
N ARG B 270 28.29 18.11 -21.61
CA ARG B 270 27.39 18.96 -22.37
C ARG B 270 26.60 18.28 -23.51
N ARG B 271 25.98 17.13 -23.24
CA ARG B 271 25.13 16.44 -24.23
C ARG B 271 23.75 16.10 -23.66
N LYS B 272 22.82 15.70 -24.51
CA LYS B 272 21.47 15.33 -24.08
C LYS B 272 21.58 13.97 -23.35
N PRO B 273 20.90 13.81 -22.19
CA PRO B 273 20.91 12.46 -21.54
C PRO B 273 20.10 11.47 -22.33
N VAL B 274 20.46 10.21 -22.31
CA VAL B 274 19.69 9.13 -22.92
C VAL B 274 19.18 8.20 -21.80
N TRP B 275 17.87 8.24 -21.55
CA TRP B 275 17.38 7.59 -20.37
C TRP B 275 17.18 6.13 -20.68
N THR B 276 17.40 5.23 -19.71
CA THR B 276 17.07 3.83 -19.98
C THR B 276 15.97 3.28 -19.08
N GLY B 277 15.50 4.06 -18.12
CA GLY B 277 14.50 3.57 -17.19
C GLY B 277 15.02 2.57 -16.16
N LYS B 278 16.30 2.59 -15.87
CA LYS B 278 16.91 1.76 -14.81
C LYS B 278 18.01 2.61 -14.14
#